data_5L4U
#
_entry.id   5L4U
#
_cell.length_a   63.550
_cell.length_b   68.300
_cell.length_c   96.010
_cell.angle_alpha   90.00
_cell.angle_beta   90.00
_cell.angle_gamma   90.00
#
_symmetry.space_group_name_H-M   'P 21 21 21'
#
loop_
_entity.id
_entity.type
_entity.pdbx_description
1 polymer 'Protein FimH'
2 non-polymer 'heptyl 2-fluoro-alpha-D-mannopyranoside'
3 water water
#
_entity_poly.entity_id   1
_entity_poly.type   'polypeptide(L)'
_entity_poly.pdbx_seq_one_letter_code
;FACKTANGTAIPIGGGSANVYVNLAPVVNVGQNLVVDLSTQIFCHNDYPETITDYVTLQRGSAYGGVLSNFSGTVKYSGS
SYPFPTTSETPRVVYNSRTDKPWPVALYLTPVSSAGGVAIKAGSLIAVLILRQTNNYNSDDFQFVWNIYANNDVVVPT
;
_entity_poly.pdbx_strand_id   A,B
#
loop_
_chem_comp.id
_chem_comp.type
_chem_comp.name
_chem_comp.formula
6KS D-saccharide 'heptyl 2-fluoro-alpha-D-mannopyranoside' 'C13 H25 F O5'
#
# COMPACT_ATOMS: atom_id res chain seq x y z
N PHE A 1 -19.27 2.55 -16.52
CA PHE A 1 -18.55 1.93 -15.40
C PHE A 1 -18.90 0.46 -15.29
N ALA A 2 -17.86 -0.38 -15.17
CA ALA A 2 -18.01 -1.82 -15.01
C ALA A 2 -16.79 -2.35 -14.28
N CYS A 3 -16.90 -3.58 -13.75
CA CYS A 3 -15.84 -4.21 -12.98
C CYS A 3 -15.63 -5.65 -13.40
N LYS A 4 -14.46 -6.20 -13.04
CA LYS A 4 -14.10 -7.59 -13.29
C LYS A 4 -13.15 -8.14 -12.24
N THR A 5 -13.16 -9.47 -12.09
CA THR A 5 -12.25 -10.17 -11.17
C THR A 5 -10.99 -10.53 -11.96
N ALA A 6 -9.91 -10.88 -11.24
CA ALA A 6 -8.62 -11.29 -11.79
C ALA A 6 -8.76 -12.48 -12.76
N ASN A 7 -9.82 -13.32 -12.58
CA ASN A 7 -10.09 -14.47 -13.44
C ASN A 7 -10.90 -14.14 -14.72
N GLY A 8 -11.44 -12.93 -14.80
CA GLY A 8 -12.20 -12.48 -15.96
C GLY A 8 -13.69 -12.31 -15.78
N THR A 9 -14.25 -12.75 -14.62
CA THR A 9 -15.68 -12.63 -14.27
C THR A 9 -16.04 -11.15 -14.15
N ALA A 10 -16.95 -10.70 -14.99
CA ALA A 10 -17.33 -9.30 -15.05
C ALA A 10 -18.73 -8.99 -14.56
N ILE A 11 -18.88 -7.77 -14.04
CA ILE A 11 -20.15 -7.19 -13.66
C ILE A 11 -20.32 -5.99 -14.60
N PRO A 12 -21.33 -6.01 -15.49
CA PRO A 12 -21.45 -4.90 -16.46
C PRO A 12 -22.04 -3.60 -15.90
N ILE A 13 -22.20 -2.59 -16.78
CA ILE A 13 -22.85 -1.31 -16.48
C ILE A 13 -24.20 -1.62 -15.82
N GLY A 14 -24.49 -0.96 -14.71
CA GLY A 14 -25.74 -1.17 -13.97
C GLY A 14 -25.55 -2.00 -12.73
N GLY A 15 -24.39 -2.63 -12.64
CA GLY A 15 -24.07 -3.45 -11.49
C GLY A 15 -24.63 -4.84 -11.56
N GLY A 16 -24.61 -5.50 -10.41
CA GLY A 16 -25.01 -6.88 -10.22
C GLY A 16 -24.09 -7.52 -9.22
N SER A 17 -23.86 -8.82 -9.35
CA SER A 17 -23.04 -9.57 -8.42
C SER A 17 -22.12 -10.58 -9.07
N ALA A 18 -21.00 -10.93 -8.37
CA ALA A 18 -20.02 -11.93 -8.79
C ALA A 18 -19.37 -12.56 -7.55
N ASN A 19 -18.84 -13.79 -7.72
CA ASN A 19 -18.11 -14.50 -6.66
C ASN A 19 -16.63 -14.33 -6.85
N VAL A 20 -15.91 -14.12 -5.74
CA VAL A 20 -14.47 -13.94 -5.68
C VAL A 20 -13.90 -15.06 -4.78
N TYR A 21 -13.05 -15.92 -5.36
CA TYR A 21 -12.46 -17.05 -4.66
C TYR A 21 -11.05 -16.68 -4.29
N VAL A 22 -10.78 -16.63 -2.99
CA VAL A 22 -9.49 -16.20 -2.47
C VAL A 22 -8.69 -17.28 -1.74
N ASN A 23 -7.37 -17.31 -2.01
CA ASN A 23 -6.46 -18.17 -1.28
C ASN A 23 -6.12 -17.40 -0.02
N LEU A 24 -6.05 -18.11 1.10
CA LEU A 24 -5.79 -17.49 2.38
C LEU A 24 -4.61 -18.17 3.06
N ALA A 25 -3.83 -17.42 3.87
CA ALA A 25 -2.71 -17.98 4.65
C ALA A 25 -3.28 -19.18 5.44
N PRO A 26 -2.69 -20.39 5.31
CA PRO A 26 -3.30 -21.57 5.96
C PRO A 26 -3.21 -21.61 7.48
N VAL A 27 -2.22 -20.90 8.03
CA VAL A 27 -1.98 -20.82 9.47
C VAL A 27 -1.89 -19.36 9.90
N VAL A 28 -2.78 -18.96 10.82
CA VAL A 28 -2.82 -17.61 11.37
C VAL A 28 -2.81 -17.70 12.89
N ASN A 29 -1.78 -17.15 13.53
CA ASN A 29 -1.71 -17.16 14.98
C ASN A 29 -2.50 -16.02 15.61
N VAL A 30 -2.90 -16.20 16.90
CA VAL A 30 -3.53 -15.13 17.68
C VAL A 30 -2.42 -14.02 17.76
N GLY A 31 -2.78 -12.78 17.45
CA GLY A 31 -1.81 -11.69 17.44
C GLY A 31 -1.29 -11.35 16.06
N GLN A 32 -1.67 -12.16 15.05
CA GLN A 32 -1.26 -11.95 13.64
C GLN A 32 -2.47 -11.56 12.81
N ASN A 33 -2.25 -10.94 11.65
CA ASN A 33 -3.31 -10.57 10.71
C ASN A 33 -3.40 -11.54 9.57
N LEU A 34 -4.64 -11.88 9.20
CA LEU A 34 -4.98 -12.62 7.99
C LEU A 34 -5.34 -11.49 7.03
N VAL A 35 -4.54 -11.32 5.98
CA VAL A 35 -4.79 -10.24 5.02
C VAL A 35 -5.50 -10.79 3.78
N VAL A 36 -6.67 -10.21 3.45
CA VAL A 36 -7.47 -10.53 2.27
C VAL A 36 -7.40 -9.26 1.37
N ASP A 37 -6.43 -9.24 0.46
CA ASP A 37 -6.21 -8.11 -0.44
C ASP A 37 -7.05 -8.23 -1.71
N LEU A 38 -8.23 -7.55 -1.72
CA LEU A 38 -9.12 -7.58 -2.88
C LEU A 38 -8.62 -6.66 -4.01
N SER A 39 -7.60 -5.78 -3.71
CA SER A 39 -7.02 -4.88 -4.71
CA SER A 39 -7.00 -4.88 -4.70
C SER A 39 -6.30 -5.65 -5.84
N THR A 40 -5.96 -6.92 -5.61
CA THR A 40 -5.33 -7.78 -6.62
C THR A 40 -6.43 -8.64 -7.30
N GLN A 41 -7.67 -8.57 -6.78
CA GLN A 41 -8.77 -9.40 -7.26
C GLN A 41 -9.84 -8.64 -8.04
N ILE A 42 -10.15 -7.41 -7.66
CA ILE A 42 -11.24 -6.63 -8.26
C ILE A 42 -10.67 -5.37 -8.94
N PHE A 43 -11.02 -5.19 -10.22
CA PHE A 43 -10.55 -4.10 -11.08
C PHE A 43 -11.73 -3.40 -11.75
N CYS A 44 -11.75 -2.04 -11.76
CA CYS A 44 -12.86 -1.26 -12.35
C CYS A 44 -12.34 -0.16 -13.29
N HIS A 45 -13.23 0.39 -14.15
CA HIS A 45 -12.87 1.46 -15.06
C HIS A 45 -14.08 2.36 -15.37
N ASN A 46 -13.78 3.58 -15.83
CA ASN A 46 -14.77 4.56 -16.25
C ASN A 46 -14.94 4.40 -17.79
N ASP A 47 -16.18 4.18 -18.27
CA ASP A 47 -16.45 3.97 -19.71
C ASP A 47 -16.53 5.24 -20.55
N TYR A 48 -16.57 6.41 -19.91
CA TYR A 48 -16.68 7.68 -20.61
C TYR A 48 -15.89 8.76 -19.87
N PRO A 49 -14.56 8.61 -19.64
CA PRO A 49 -13.83 9.62 -18.84
C PRO A 49 -13.66 11.00 -19.47
N GLU A 50 -13.99 11.13 -20.77
CA GLU A 50 -13.94 12.38 -21.53
C GLU A 50 -14.95 13.39 -20.96
N THR A 51 -16.06 12.88 -20.37
CA THR A 51 -17.16 13.71 -19.86
C THR A 51 -17.53 13.40 -18.39
N ILE A 52 -17.47 12.13 -18.01
CA ILE A 52 -17.92 11.69 -16.69
C ILE A 52 -16.84 11.37 -15.69
N THR A 53 -17.09 11.72 -14.42
CA THR A 53 -16.28 11.32 -13.27
C THR A 53 -17.14 10.35 -12.50
N ASP A 54 -16.63 9.13 -12.29
CA ASP A 54 -17.29 8.09 -11.52
C ASP A 54 -16.81 8.13 -10.08
N TYR A 55 -17.75 7.99 -9.15
CA TYR A 55 -17.49 8.01 -7.70
C TYR A 55 -17.76 6.63 -7.14
N VAL A 56 -16.77 6.06 -6.43
CA VAL A 56 -16.86 4.70 -5.94
C VAL A 56 -16.55 4.58 -4.44
N THR A 57 -17.46 3.94 -3.72
CA THR A 57 -17.28 3.73 -2.27
C THR A 57 -17.45 2.27 -1.93
N LEU A 58 -17.03 1.89 -0.71
CA LEU A 58 -17.37 0.61 -0.14
C LEU A 58 -18.61 1.03 0.67
N GLN A 59 -19.81 0.70 0.16
CA GLN A 59 -21.05 1.10 0.80
C GLN A 59 -21.18 0.36 2.11
N ARG A 60 -20.93 -0.96 2.07
CA ARG A 60 -20.92 -1.82 3.25
C ARG A 60 -20.18 -3.12 3.01
N GLY A 61 -19.63 -3.65 4.08
CA GLY A 61 -18.91 -4.91 4.11
C GLY A 61 -19.40 -5.73 5.27
N SER A 62 -19.87 -6.95 5.00
CA SER A 62 -20.37 -7.87 6.02
C SER A 62 -19.44 -9.07 6.10
N ALA A 63 -19.31 -9.67 7.31
CA ALA A 63 -18.50 -10.87 7.57
C ALA A 63 -19.44 -12.05 7.77
N TYR A 64 -19.02 -13.25 7.35
CA TYR A 64 -19.85 -14.47 7.48
C TYR A 64 -19.01 -15.61 7.98
N GLY A 65 -19.71 -16.68 8.39
CA GLY A 65 -19.12 -17.93 8.84
C GLY A 65 -18.00 -17.75 9.83
N GLY A 66 -16.86 -18.33 9.48
CA GLY A 66 -15.67 -18.32 10.33
C GLY A 66 -15.08 -16.95 10.59
N VAL A 67 -15.19 -16.04 9.63
CA VAL A 67 -14.69 -14.67 9.75
C VAL A 67 -15.50 -13.89 10.82
N LEU A 68 -16.83 -14.04 10.83
CA LEU A 68 -17.72 -13.39 11.81
C LEU A 68 -17.51 -13.99 13.22
N SER A 69 -17.49 -15.33 13.32
CA SER A 69 -17.31 -16.06 14.58
C SER A 69 -15.89 -15.98 15.18
N ASN A 70 -14.84 -16.08 14.35
CA ASN A 70 -13.46 -16.20 14.86
C ASN A 70 -12.48 -15.05 14.70
N PHE A 71 -12.87 -13.96 14.04
CA PHE A 71 -11.92 -12.88 13.78
C PHE A 71 -12.45 -11.52 14.14
N SER A 72 -11.51 -10.59 14.39
CA SER A 72 -11.77 -9.17 14.65
C SER A 72 -11.22 -8.45 13.42
N GLY A 73 -12.09 -7.74 12.71
CA GLY A 73 -11.68 -7.13 11.46
C GLY A 73 -11.59 -5.64 11.35
N THR A 74 -10.82 -5.24 10.35
CA THR A 74 -10.58 -3.89 9.93
C THR A 74 -10.59 -3.93 8.42
N VAL A 75 -11.21 -2.94 7.79
CA VAL A 75 -11.19 -2.82 6.32
C VAL A 75 -10.37 -1.59 5.99
N LYS A 76 -9.42 -1.73 5.06
CA LYS A 76 -8.61 -0.61 4.60
C LYS A 76 -9.14 -0.23 3.23
N TYR A 77 -9.64 1.00 3.09
CA TYR A 77 -10.16 1.48 1.81
C TYR A 77 -9.37 2.68 1.37
N SER A 78 -8.62 2.51 0.28
CA SER A 78 -7.76 3.56 -0.29
C SER A 78 -6.83 4.21 0.77
N GLY A 79 -6.17 3.37 1.57
CA GLY A 79 -5.24 3.84 2.59
C GLY A 79 -5.80 4.17 3.97
N SER A 80 -7.14 4.27 4.11
CA SER A 80 -7.79 4.59 5.41
C SER A 80 -8.42 3.34 6.02
N SER A 81 -8.32 3.18 7.34
CA SER A 81 -8.81 2.00 8.04
C SER A 81 -10.12 2.25 8.75
N TYR A 82 -11.00 1.24 8.71
CA TYR A 82 -12.34 1.32 9.30
C TYR A 82 -12.71 -0.03 9.91
N PRO A 83 -13.68 -0.09 10.87
CA PRO A 83 -14.08 -1.41 11.40
C PRO A 83 -14.72 -2.24 10.29
N PHE A 84 -14.57 -3.54 10.37
CA PHE A 84 -15.16 -4.51 9.46
C PHE A 84 -15.70 -5.63 10.35
N PRO A 85 -17.00 -6.00 10.33
CA PRO A 85 -18.13 -5.41 9.54
C PRO A 85 -18.25 -3.90 9.71
N THR A 86 -18.62 -3.21 8.62
CA THR A 86 -18.69 -1.76 8.49
C THR A 86 -19.80 -1.09 9.24
N THR A 87 -19.57 0.17 9.64
CA THR A 87 -20.55 0.96 10.39
C THR A 87 -20.96 2.23 9.65
N SER A 88 -20.29 2.51 8.50
CA SER A 88 -20.59 3.65 7.63
C SER A 88 -20.02 3.41 6.25
N GLU A 89 -20.56 4.15 5.27
CA GLU A 89 -20.10 4.15 3.90
C GLU A 89 -18.78 4.93 3.91
N THR A 90 -17.80 4.44 3.16
CA THR A 90 -16.48 5.06 3.08
C THR A 90 -16.53 6.36 2.26
N PRO A 91 -15.50 7.23 2.31
CA PRO A 91 -15.46 8.34 1.34
C PRO A 91 -15.28 7.75 -0.08
N ARG A 92 -15.51 8.57 -1.08
CA ARG A 92 -15.45 8.20 -2.48
C ARG A 92 -14.03 8.06 -3.01
N VAL A 93 -13.86 7.10 -3.94
CA VAL A 93 -12.65 6.93 -4.75
C VAL A 93 -13.08 7.30 -6.17
N VAL A 94 -12.32 8.19 -6.80
CA VAL A 94 -12.57 8.67 -8.16
C VAL A 94 -12.02 7.70 -9.21
N TYR A 95 -12.85 7.36 -10.20
CA TYR A 95 -12.51 6.57 -11.38
C TYR A 95 -12.66 7.55 -12.56
N ASN A 96 -11.53 7.96 -13.10
CA ASN A 96 -11.47 8.97 -14.17
C ASN A 96 -10.69 8.47 -15.37
N SER A 97 -10.55 7.14 -15.48
CA SER A 97 -9.83 6.52 -16.58
C SER A 97 -10.52 5.27 -17.11
N ARG A 98 -10.31 4.98 -18.41
CA ARG A 98 -10.81 3.80 -19.11
C ARG A 98 -9.89 2.59 -18.82
N THR A 99 -8.68 2.84 -18.29
CA THR A 99 -7.74 1.79 -17.91
C THR A 99 -8.22 1.18 -16.57
N ASP A 100 -8.30 -0.16 -16.48
CA ASP A 100 -8.66 -0.88 -15.27
C ASP A 100 -7.78 -0.44 -14.12
N LYS A 101 -8.42 -0.07 -13.02
CA LYS A 101 -7.78 0.36 -11.80
C LYS A 101 -8.29 -0.57 -10.69
N PRO A 102 -7.41 -1.09 -9.81
CA PRO A 102 -7.88 -1.95 -8.71
C PRO A 102 -8.86 -1.26 -7.78
N TRP A 103 -9.84 -2.00 -7.26
CA TRP A 103 -10.74 -1.45 -6.27
C TRP A 103 -9.92 -1.54 -4.94
N PRO A 104 -9.52 -0.41 -4.32
CA PRO A 104 -8.56 -0.48 -3.19
C PRO A 104 -9.07 -0.96 -1.83
N VAL A 105 -9.49 -2.23 -1.78
CA VAL A 105 -10.08 -2.88 -0.61
C VAL A 105 -9.16 -4.01 -0.15
N ALA A 106 -8.85 -4.01 1.16
CA ALA A 106 -8.07 -5.03 1.85
C ALA A 106 -8.70 -5.26 3.23
N LEU A 107 -8.95 -6.52 3.58
CA LEU A 107 -9.46 -6.91 4.89
C LEU A 107 -8.27 -7.32 5.76
N TYR A 108 -8.26 -6.88 7.03
CA TYR A 108 -7.22 -7.24 8.01
C TYR A 108 -7.96 -7.92 9.14
N LEU A 109 -7.78 -9.23 9.25
CA LEU A 109 -8.52 -10.08 10.19
C LEU A 109 -7.59 -10.73 11.18
N THR A 110 -7.80 -10.44 12.47
CA THR A 110 -6.96 -11.03 13.53
C THR A 110 -7.81 -11.98 14.37
N PRO A 111 -7.31 -13.19 14.71
CA PRO A 111 -8.15 -14.11 15.50
C PRO A 111 -8.55 -13.55 16.87
N VAL A 112 -9.80 -13.83 17.27
CA VAL A 112 -10.31 -13.49 18.58
C VAL A 112 -9.69 -14.51 19.57
N SER A 113 -9.68 -14.20 20.88
CA SER A 113 -9.05 -15.08 21.89
C SER A 113 -9.63 -16.50 21.97
N SER A 114 -10.93 -16.63 21.68
CA SER A 114 -11.64 -17.91 21.70
C SER A 114 -11.34 -18.76 20.44
N ALA A 115 -10.71 -18.14 19.40
CA ALA A 115 -10.42 -18.85 18.14
C ALA A 115 -9.32 -19.90 18.35
N GLY A 116 -9.51 -21.04 17.69
CA GLY A 116 -8.60 -22.17 17.73
C GLY A 116 -9.08 -23.27 16.83
N GLY A 117 -8.17 -23.89 16.11
CA GLY A 117 -8.53 -24.95 15.17
C GLY A 117 -8.90 -24.40 13.81
N VAL A 118 -9.80 -25.09 13.09
CA VAL A 118 -10.27 -24.66 11.77
C VAL A 118 -11.18 -23.45 11.97
N ALA A 119 -10.61 -22.26 11.77
CA ALA A 119 -11.27 -20.99 12.00
C ALA A 119 -12.07 -20.51 10.79
N ILE A 120 -11.67 -20.94 9.57
CA ILE A 120 -12.33 -20.65 8.31
C ILE A 120 -12.36 -21.97 7.53
N LYS A 121 -13.54 -22.41 7.07
CA LYS A 121 -13.68 -23.65 6.30
C LYS A 121 -13.50 -23.38 4.79
N ALA A 122 -12.82 -24.31 4.08
CA ALA A 122 -12.62 -24.23 2.62
C ALA A 122 -13.99 -24.22 1.92
N GLY A 123 -14.15 -23.32 0.96
CA GLY A 123 -15.39 -23.16 0.21
C GLY A 123 -16.47 -22.31 0.86
N SER A 124 -16.25 -21.85 2.11
CA SER A 124 -17.27 -21.05 2.81
C SER A 124 -17.26 -19.59 2.41
N LEU A 125 -18.45 -18.93 2.54
CA LEU A 125 -18.62 -17.50 2.33
C LEU A 125 -17.94 -16.81 3.52
N ILE A 126 -17.06 -15.85 3.26
CA ILE A 126 -16.33 -15.15 4.35
C ILE A 126 -16.74 -13.67 4.42
N ALA A 127 -17.17 -13.08 3.30
CA ALA A 127 -17.53 -11.67 3.25
C ALA A 127 -18.37 -11.33 2.05
N VAL A 128 -19.17 -10.28 2.20
CA VAL A 128 -19.96 -9.69 1.12
C VAL A 128 -19.60 -8.19 1.18
N LEU A 129 -19.01 -7.68 0.10
CA LEU A 129 -18.58 -6.29 -0.02
C LEU A 129 -19.42 -5.61 -1.11
N ILE A 130 -20.02 -4.47 -0.76
CA ILE A 130 -20.88 -3.71 -1.68
C ILE A 130 -20.15 -2.50 -2.18
N LEU A 131 -19.86 -2.50 -3.49
CA LEU A 131 -19.24 -1.40 -4.20
C LEU A 131 -20.42 -0.57 -4.70
N ARG A 132 -20.46 0.72 -4.33
CA ARG A 132 -21.51 1.63 -4.80
C ARG A 132 -20.90 2.64 -5.76
N GLN A 133 -21.48 2.75 -6.97
CA GLN A 133 -20.99 3.65 -8.00
C GLN A 133 -22.01 4.70 -8.38
N THR A 134 -21.57 5.95 -8.34
CA THR A 134 -22.35 7.10 -8.77
C THR A 134 -21.44 7.91 -9.70
N ASN A 135 -21.93 9.05 -10.19
CA ASN A 135 -21.18 9.92 -11.09
C ASN A 135 -21.60 11.39 -10.92
N ASN A 136 -21.02 12.31 -11.74
CA ASN A 136 -21.31 13.76 -11.76
C ASN A 136 -22.10 14.09 -13.04
N TYR A 137 -22.78 13.09 -13.60
CA TYR A 137 -23.44 13.20 -14.88
C TYR A 137 -24.95 12.99 -14.83
N ASN A 138 -25.41 11.90 -14.20
CA ASN A 138 -26.85 11.60 -14.12
C ASN A 138 -27.24 11.02 -12.74
N SER A 139 -28.42 10.35 -12.65
CA SER A 139 -28.96 9.80 -11.40
CA SER A 139 -28.96 9.81 -11.40
C SER A 139 -28.51 8.37 -11.10
N ASP A 140 -27.58 7.81 -11.92
CA ASP A 140 -27.05 6.45 -11.76
C ASP A 140 -26.50 6.22 -10.36
N ASP A 141 -26.99 5.16 -9.71
CA ASP A 141 -26.62 4.71 -8.37
C ASP A 141 -26.65 3.17 -8.41
N PHE A 142 -25.49 2.56 -8.72
CA PHE A 142 -25.40 1.12 -8.91
C PHE A 142 -24.62 0.39 -7.84
N GLN A 143 -25.03 -0.87 -7.57
CA GLN A 143 -24.36 -1.75 -6.62
C GLN A 143 -23.71 -2.92 -7.31
N PHE A 144 -22.43 -3.11 -7.04
CA PHE A 144 -21.60 -4.20 -7.53
C PHE A 144 -21.31 -5.02 -6.26
N VAL A 145 -22.02 -6.15 -6.14
CA VAL A 145 -21.99 -7.02 -4.94
C VAL A 145 -20.91 -8.10 -5.13
N TRP A 146 -19.91 -8.12 -4.24
CA TRP A 146 -18.82 -9.10 -4.32
C TRP A 146 -18.92 -10.10 -3.17
N ASN A 147 -19.26 -11.35 -3.53
CA ASN A 147 -19.36 -12.46 -2.59
C ASN A 147 -17.98 -13.13 -2.51
N ILE A 148 -17.33 -13.02 -1.34
CA ILE A 148 -15.98 -13.53 -1.12
C ILE A 148 -16.03 -14.91 -0.47
N TYR A 149 -15.39 -15.88 -1.14
CA TYR A 149 -15.33 -17.25 -0.67
C TYR A 149 -13.90 -17.68 -0.40
N ALA A 150 -13.69 -18.49 0.65
CA ALA A 150 -12.37 -19.02 1.00
C ALA A 150 -12.06 -20.20 0.10
N ASN A 151 -10.84 -20.25 -0.48
CA ASN A 151 -10.43 -21.40 -1.30
C ASN A 151 -9.94 -22.54 -0.44
N ASN A 152 -9.51 -22.23 0.79
CA ASN A 152 -8.90 -23.21 1.69
C ASN A 152 -9.26 -22.97 3.16
N ASP A 153 -8.95 -23.97 4.01
CA ASP A 153 -9.13 -23.91 5.46
C ASP A 153 -8.07 -22.96 6.02
N VAL A 154 -8.42 -22.27 7.10
CA VAL A 154 -7.50 -21.43 7.85
C VAL A 154 -7.47 -22.00 9.26
N VAL A 155 -6.29 -22.40 9.70
CA VAL A 155 -6.07 -22.97 11.03
C VAL A 155 -5.46 -21.92 11.95
N VAL A 156 -6.07 -21.74 13.14
CA VAL A 156 -5.56 -20.88 14.20
C VAL A 156 -4.93 -21.83 15.25
N PRO A 157 -3.58 -21.89 15.36
CA PRO A 157 -2.96 -22.82 16.32
C PRO A 157 -3.44 -22.66 17.76
N THR A 158 -3.50 -23.78 18.49
CA THR A 158 -3.92 -23.80 19.90
C THR A 158 -2.76 -24.06 20.87
N PHE B 1 3.19 14.52 -12.70
CA PHE B 1 3.72 13.82 -11.52
C PHE B 1 4.61 14.72 -10.70
N ALA B 2 4.38 14.74 -9.38
CA ALA B 2 5.16 15.53 -8.43
C ALA B 2 5.08 14.86 -7.07
N CYS B 3 5.99 15.24 -6.16
CA CYS B 3 6.07 14.65 -4.83
C CYS B 3 6.24 15.72 -3.77
N LYS B 4 5.94 15.34 -2.52
CA LYS B 4 6.12 16.19 -1.36
C LYS B 4 6.42 15.39 -0.10
N THR B 5 7.06 16.07 0.88
CA THR B 5 7.35 15.47 2.17
C THR B 5 6.18 15.76 3.11
N ALA B 6 6.11 15.05 4.24
CA ALA B 6 5.09 15.20 5.27
C ALA B 6 5.02 16.64 5.81
N ASN B 7 6.14 17.40 5.73
CA ASN B 7 6.19 18.80 6.17
C ASN B 7 5.75 19.82 5.12
N GLY B 8 5.56 19.38 3.88
CA GLY B 8 5.10 20.24 2.79
C GLY B 8 6.11 20.59 1.72
N THR B 9 7.41 20.21 1.91
CA THR B 9 8.49 20.43 0.94
C THR B 9 8.20 19.62 -0.33
N ALA B 10 8.05 20.32 -1.45
CA ALA B 10 7.69 19.69 -2.70
C ALA B 10 8.79 19.67 -3.76
N ILE B 11 8.73 18.64 -4.61
CA ILE B 11 9.58 18.51 -5.79
C ILE B 11 8.58 18.55 -6.95
N PRO B 12 8.64 19.56 -7.82
CA PRO B 12 7.64 19.67 -8.91
C PRO B 12 7.85 18.72 -10.09
N ILE B 13 6.96 18.83 -11.11
CA ILE B 13 7.05 18.10 -12.39
C ILE B 13 8.47 18.31 -12.92
N GLY B 14 9.11 17.23 -13.35
CA GLY B 14 10.47 17.28 -13.90
C GLY B 14 11.50 16.79 -12.91
N GLY B 15 11.09 16.67 -11.66
CA GLY B 15 11.97 16.20 -10.60
C GLY B 15 12.85 17.28 -10.02
N GLY B 16 13.85 16.82 -9.28
CA GLY B 16 14.77 17.64 -8.53
C GLY B 16 15.11 16.95 -7.23
N SER B 17 15.39 17.73 -6.18
CA SER B 17 15.78 17.18 -4.88
C SER B 17 15.17 17.90 -3.69
N ALA B 18 15.07 17.20 -2.54
CA ALA B 18 14.57 17.71 -1.26
C ALA B 18 15.21 16.94 -0.10
N ASN B 19 15.26 17.56 1.09
CA ASN B 19 15.78 16.96 2.32
C ASN B 19 14.64 16.43 3.16
N VAL B 20 14.85 15.23 3.74
CA VAL B 20 13.89 14.54 4.60
C VAL B 20 14.57 14.34 5.97
N TYR B 21 13.98 14.94 7.02
CA TYR B 21 14.53 14.86 8.37
C TYR B 21 13.72 13.84 9.14
N VAL B 22 14.39 12.77 9.58
CA VAL B 22 13.74 11.67 10.26
C VAL B 22 14.14 11.46 11.72
N ASN B 23 13.13 11.17 12.55
CA ASN B 23 13.37 10.81 13.95
C ASN B 23 13.68 9.34 13.90
N LEU B 24 14.63 8.90 14.71
CA LEU B 24 15.05 7.51 14.72
C LEU B 24 15.03 6.97 16.13
N ALA B 25 14.76 5.64 16.28
CA ALA B 25 14.79 4.98 17.60
C ALA B 25 16.14 5.32 18.24
N PRO B 26 16.17 5.88 19.48
CA PRO B 26 17.46 6.33 20.04
C PRO B 26 18.42 5.22 20.45
N VAL B 27 17.86 4.03 20.72
CA VAL B 27 18.61 2.87 21.16
C VAL B 27 18.25 1.66 20.27
N VAL B 28 19.27 1.11 19.59
CA VAL B 28 19.11 -0.07 18.72
C VAL B 28 20.14 -1.12 19.11
N ASN B 29 19.68 -2.29 19.55
CA ASN B 29 20.59 -3.37 19.94
C ASN B 29 21.06 -4.17 18.73
N VAL B 30 22.22 -4.85 18.88
CA VAL B 30 22.71 -5.77 17.86
C VAL B 30 21.62 -6.89 17.80
N GLY B 31 21.16 -7.25 16.61
CA GLY B 31 20.11 -8.25 16.45
C GLY B 31 18.73 -7.65 16.29
N GLN B 32 18.62 -6.31 16.40
CA GLN B 32 17.37 -5.57 16.22
C GLN B 32 17.44 -4.73 14.95
N ASN B 33 16.30 -4.35 14.40
CA ASN B 33 16.22 -3.48 13.24
C ASN B 33 15.90 -2.05 13.63
N LEU B 34 16.58 -1.11 12.97
CA LEU B 34 16.30 0.32 13.01
C LEU B 34 15.44 0.50 11.76
N VAL B 35 14.18 0.85 11.94
CA VAL B 35 13.27 1.02 10.79
C VAL B 35 13.14 2.50 10.45
N VAL B 36 13.43 2.83 9.19
CA VAL B 36 13.28 4.18 8.63
C VAL B 36 12.15 4.07 7.58
N ASP B 37 10.91 4.35 8.02
CA ASP B 37 9.72 4.26 7.17
C ASP B 37 9.48 5.57 6.41
N LEU B 38 9.94 5.63 5.14
CA LEU B 38 9.78 6.81 4.27
C LEU B 38 8.35 6.90 3.72
N SER B 39 7.54 5.82 3.84
CA SER B 39 6.17 5.82 3.35
CA SER B 39 6.14 5.79 3.38
C SER B 39 5.27 6.81 4.12
N THR B 40 5.68 7.21 5.35
CA THR B 40 4.95 8.20 6.15
C THR B 40 5.56 9.60 5.86
N GLN B 41 6.67 9.65 5.11
CA GLN B 41 7.39 10.91 4.85
C GLN B 41 7.29 11.42 3.43
N ILE B 42 7.22 10.54 2.43
CA ILE B 42 7.21 10.91 1.01
C ILE B 42 5.93 10.45 0.36
N PHE B 43 5.22 11.40 -0.30
CA PHE B 43 3.94 11.20 -0.95
C PHE B 43 4.00 11.73 -2.37
N CYS B 44 3.41 10.99 -3.33
CA CYS B 44 3.41 11.37 -4.75
C CYS B 44 2.01 11.23 -5.38
N HIS B 45 1.79 11.85 -6.55
CA HIS B 45 0.53 11.77 -7.27
C HIS B 45 0.72 11.90 -8.79
N ASN B 46 -0.27 11.42 -9.55
CA ASN B 46 -0.33 11.51 -11.00
C ASN B 46 -1.16 12.79 -11.34
N ASP B 47 -0.60 13.72 -12.13
CA ASP B 47 -1.27 14.98 -12.49
C ASP B 47 -2.30 14.88 -13.63
N TYR B 48 -2.32 13.77 -14.36
CA TYR B 48 -3.25 13.55 -15.47
C TYR B 48 -3.70 12.08 -15.51
N PRO B 49 -4.34 11.52 -14.44
CA PRO B 49 -4.69 10.08 -14.46
C PRO B 49 -5.77 9.67 -15.46
N GLU B 50 -6.46 10.65 -16.06
CA GLU B 50 -7.49 10.44 -17.08
C GLU B 50 -6.91 9.78 -18.34
N THR B 51 -5.61 10.06 -18.61
CA THR B 51 -4.90 9.60 -19.81
C THR B 51 -3.58 8.88 -19.52
N ILE B 52 -2.86 9.31 -18.48
CA ILE B 52 -1.53 8.78 -18.21
C ILE B 52 -1.43 7.85 -17.02
N THR B 53 -0.58 6.83 -17.14
CA THR B 53 -0.20 5.94 -16.06
C THR B 53 1.27 6.27 -15.79
N ASP B 54 1.57 6.65 -14.55
CA ASP B 54 2.93 6.96 -14.11
C ASP B 54 3.54 5.71 -13.49
N TYR B 55 4.81 5.46 -13.83
CA TYR B 55 5.59 4.31 -13.35
C TYR B 55 6.69 4.83 -12.45
N VAL B 56 6.77 4.28 -11.23
CA VAL B 56 7.72 4.74 -10.22
C VAL B 56 8.55 3.62 -9.62
N THR B 57 9.87 3.81 -9.62
CA THR B 57 10.80 2.83 -9.04
C THR B 57 11.72 3.51 -8.05
N LEU B 58 12.40 2.69 -7.24
CA LEU B 58 13.52 3.16 -6.44
C LEU B 58 14.68 2.79 -7.38
N GLN B 59 15.23 3.80 -8.08
CA GLN B 59 16.29 3.58 -9.05
C GLN B 59 17.53 3.12 -8.33
N ARG B 60 17.88 3.81 -7.24
CA ARG B 60 18.99 3.48 -6.37
C ARG B 60 18.88 4.13 -5.00
N GLY B 61 19.47 3.47 -4.02
CA GLY B 61 19.54 3.92 -2.65
C GLY B 61 20.95 3.75 -2.13
N SER B 62 21.55 4.84 -1.64
CA SER B 62 22.90 4.83 -1.10
C SER B 62 22.86 5.11 0.40
N ALA B 63 23.81 4.55 1.17
CA ALA B 63 23.95 4.76 2.62
C ALA B 63 25.15 5.66 2.87
N TYR B 64 25.08 6.50 3.91
CA TYR B 64 26.18 7.43 4.25
C TYR B 64 26.43 7.41 5.72
N GLY B 65 27.56 8.01 6.10
CA GLY B 65 28.00 8.17 7.47
C GLY B 65 27.88 6.94 8.32
N GLY B 66 27.16 7.09 9.43
CA GLY B 66 26.95 6.02 10.39
C GLY B 66 26.18 4.81 9.88
N VAL B 67 25.26 5.03 8.96
CA VAL B 67 24.47 3.95 8.36
C VAL B 67 25.38 3.02 7.49
N LEU B 68 26.29 3.61 6.69
CA LEU B 68 27.24 2.86 5.86
C LEU B 68 28.27 2.11 6.73
N SER B 69 28.86 2.81 7.72
CA SER B 69 29.87 2.25 8.61
CA SER B 69 29.87 2.26 8.61
C SER B 69 29.35 1.26 9.66
N ASN B 70 28.16 1.51 10.27
CA ASN B 70 27.66 0.69 11.37
C ASN B 70 26.47 -0.23 11.19
N PHE B 71 25.86 -0.24 10.03
CA PHE B 71 24.66 -1.04 9.84
C PHE B 71 24.69 -1.90 8.58
N SER B 72 23.89 -2.96 8.59
CA SER B 72 23.67 -3.88 7.46
C SER B 72 22.22 -3.60 7.05
N GLY B 73 22.02 -3.19 5.82
CA GLY B 73 20.69 -2.79 5.39
C GLY B 73 19.96 -3.63 4.37
N THR B 74 18.66 -3.44 4.39
CA THR B 74 17.69 -4.01 3.50
C THR B 74 16.70 -2.90 3.19
N VAL B 75 16.28 -2.78 1.94
CA VAL B 75 15.27 -1.82 1.56
C VAL B 75 14.03 -2.60 1.17
N LYS B 76 12.88 -2.21 1.71
CA LYS B 76 11.61 -2.85 1.37
C LYS B 76 10.87 -1.87 0.44
N TYR B 77 10.59 -2.30 -0.78
CA TYR B 77 9.89 -1.46 -1.75
C TYR B 77 8.62 -2.16 -2.16
N SER B 78 7.47 -1.56 -1.82
CA SER B 78 6.14 -2.11 -2.11
C SER B 78 6.00 -3.62 -1.74
N GLY B 79 6.43 -3.95 -0.53
CA GLY B 79 6.32 -5.32 -0.01
C GLY B 79 7.48 -6.27 -0.29
N SER B 80 8.37 -5.95 -1.26
CA SER B 80 9.52 -6.82 -1.57
C SER B 80 10.81 -6.25 -0.98
N SER B 81 11.70 -7.13 -0.49
CA SER B 81 12.95 -6.77 0.16
C SER B 81 14.16 -6.93 -0.74
N TYR B 82 15.09 -5.98 -0.64
CA TYR B 82 16.29 -5.95 -1.48
C TYR B 82 17.49 -5.45 -0.66
N PRO B 83 18.74 -5.73 -1.06
CA PRO B 83 19.88 -5.19 -0.29
C PRO B 83 19.90 -3.66 -0.38
N PHE B 84 20.38 -3.01 0.67
CA PHE B 84 20.55 -1.58 0.76
C PHE B 84 21.92 -1.36 1.40
N PRO B 85 22.88 -0.63 0.76
CA PRO B 85 22.83 0.03 -0.58
C PRO B 85 22.42 -0.94 -1.70
N THR B 86 21.66 -0.42 -2.66
CA THR B 86 21.03 -1.15 -3.76
C THR B 86 21.96 -1.65 -4.83
N THR B 87 21.58 -2.76 -5.48
CA THR B 87 22.38 -3.39 -6.54
C THR B 87 21.61 -3.44 -7.87
N SER B 88 20.34 -3.01 -7.87
CA SER B 88 19.48 -2.97 -9.05
C SER B 88 18.28 -2.06 -8.80
N GLU B 89 17.69 -1.59 -9.90
CA GLU B 89 16.48 -0.79 -9.89
C GLU B 89 15.34 -1.75 -9.55
N THR B 90 14.42 -1.29 -8.70
CA THR B 90 13.29 -2.10 -8.27
C THR B 90 12.25 -2.24 -9.39
N PRO B 91 11.27 -3.18 -9.30
CA PRO B 91 10.15 -3.14 -10.25
C PRO B 91 9.35 -1.84 -10.04
N ARG B 92 8.51 -1.51 -11.00
CA ARG B 92 7.69 -0.31 -11.00
C ARG B 92 6.50 -0.37 -10.08
N VAL B 93 6.15 0.77 -9.48
CA VAL B 93 4.93 1.01 -8.71
C VAL B 93 4.10 2.00 -9.56
N VAL B 94 2.85 1.65 -9.81
CA VAL B 94 1.90 2.45 -10.60
C VAL B 94 1.24 3.55 -9.75
N TYR B 95 1.26 4.78 -10.29
CA TYR B 95 0.59 5.97 -9.78
C TYR B 95 -0.48 6.31 -10.81
N ASN B 96 -1.73 6.06 -10.44
CA ASN B 96 -2.87 6.22 -11.34
C ASN B 96 -3.95 7.11 -10.73
N SER B 97 -3.57 7.92 -9.74
CA SER B 97 -4.50 8.81 -9.07
C SER B 97 -3.88 10.18 -8.78
N ARG B 98 -4.74 11.22 -8.74
CA ARG B 98 -4.39 12.59 -8.41
C ARG B 98 -4.27 12.75 -6.85
N THR B 99 -4.77 11.77 -6.08
CA THR B 99 -4.69 11.78 -4.62
C THR B 99 -3.26 11.37 -4.23
N ASP B 100 -2.62 12.14 -3.34
CA ASP B 100 -1.29 11.83 -2.80
C ASP B 100 -1.28 10.45 -2.20
N LYS B 101 -0.28 9.68 -2.60
CA LYS B 101 -0.11 8.33 -2.10
C LYS B 101 1.31 8.14 -1.62
N PRO B 102 1.53 7.39 -0.51
CA PRO B 102 2.90 7.19 -0.02
C PRO B 102 3.82 6.55 -1.05
N TRP B 103 5.10 6.94 -1.05
CA TRP B 103 6.12 6.26 -1.86
C TRP B 103 6.50 5.05 -0.96
N PRO B 104 6.18 3.79 -1.35
CA PRO B 104 6.32 2.65 -0.41
C PRO B 104 7.74 2.14 -0.11
N VAL B 105 8.57 3.02 0.47
CA VAL B 105 9.97 2.73 0.79
C VAL B 105 10.17 2.70 2.30
N ALA B 106 10.85 1.64 2.78
CA ALA B 106 11.23 1.50 4.18
C ALA B 106 12.62 0.86 4.28
N LEU B 107 13.50 1.49 5.06
CA LEU B 107 14.84 0.95 5.28
C LEU B 107 14.83 0.12 6.55
N TYR B 108 15.47 -1.06 6.54
CA TYR B 108 15.61 -1.95 7.71
C TYR B 108 17.09 -2.09 7.93
N LEU B 109 17.58 -1.47 9.00
CA LEU B 109 18.99 -1.38 9.31
C LEU B 109 19.31 -2.08 10.61
N THR B 110 20.19 -3.09 10.55
CA THR B 110 20.58 -3.84 11.75
C THR B 110 22.04 -3.57 12.05
N PRO B 111 22.43 -3.29 13.32
CA PRO B 111 23.85 -3.02 13.59
C PRO B 111 24.80 -4.17 13.22
N VAL B 112 25.97 -3.81 12.67
CA VAL B 112 27.04 -4.77 12.37
C VAL B 112 27.68 -5.14 13.72
N SER B 113 28.42 -6.26 13.80
CA SER B 113 29.02 -6.71 15.06
C SER B 113 30.01 -5.73 15.70
N SER B 114 30.71 -4.96 14.85
CA SER B 114 31.68 -3.95 15.28
C SER B 114 30.99 -2.67 15.81
N ALA B 115 29.67 -2.51 15.57
CA ALA B 115 28.94 -1.31 16.01
C ALA B 115 28.78 -1.29 17.54
N GLY B 116 28.93 -0.10 18.10
CA GLY B 116 28.82 0.15 19.53
C GLY B 116 28.97 1.62 19.79
N GLY B 117 28.15 2.16 20.68
CA GLY B 117 28.20 3.58 20.95
C GLY B 117 27.32 4.39 20.02
N VAL B 118 27.72 5.65 19.75
CA VAL B 118 26.98 6.55 18.86
C VAL B 118 27.20 6.05 17.43
N ALA B 119 26.22 5.28 16.92
CA ALA B 119 26.29 4.66 15.62
C ALA B 119 25.81 5.58 14.48
N ILE B 120 24.93 6.52 14.80
CA ILE B 120 24.42 7.53 13.87
C ILE B 120 24.46 8.87 14.62
N LYS B 121 25.05 9.90 14.03
CA LYS B 121 25.15 11.22 14.64
C LYS B 121 23.95 12.09 14.26
N ALA B 122 23.41 12.89 15.22
CA ALA B 122 22.30 13.83 14.98
C ALA B 122 22.70 14.83 13.88
N GLY B 123 21.81 15.06 12.94
CA GLY B 123 22.05 15.99 11.83
C GLY B 123 22.82 15.43 10.64
N SER B 124 23.32 14.18 10.73
CA SER B 124 24.10 13.60 9.63
C SER B 124 23.23 13.05 8.50
N LEU B 125 23.82 13.02 7.28
CA LEU B 125 23.22 12.41 6.10
C LEU B 125 23.29 10.90 6.33
N ILE B 126 22.18 10.19 6.18
CA ILE B 126 22.14 8.73 6.40
C ILE B 126 21.85 7.97 5.09
N ALA B 127 21.15 8.60 4.14
CA ALA B 127 20.80 7.96 2.89
C ALA B 127 20.41 8.95 1.82
N VAL B 128 20.59 8.54 0.57
CA VAL B 128 20.15 9.25 -0.62
C VAL B 128 19.37 8.21 -1.42
N LEU B 129 18.07 8.45 -1.63
CA LEU B 129 17.16 7.56 -2.36
C LEU B 129 16.71 8.27 -3.64
N ILE B 130 16.85 7.57 -4.78
CA ILE B 130 16.49 8.11 -6.08
C ILE B 130 15.20 7.48 -6.56
N LEU B 131 14.16 8.31 -6.65
CA LEU B 131 12.85 7.95 -7.17
C LEU B 131 12.94 8.26 -8.67
N ARG B 132 12.68 7.26 -9.52
CA ARG B 132 12.68 7.45 -10.96
C ARG B 132 11.23 7.33 -11.48
N GLN B 133 10.77 8.35 -12.21
CA GLN B 133 9.41 8.38 -12.74
C GLN B 133 9.38 8.42 -14.24
N THR B 134 8.62 7.49 -14.81
CA THR B 134 8.36 7.41 -16.24
C THR B 134 6.84 7.27 -16.40
N ASN B 135 6.36 7.12 -17.64
CA ASN B 135 4.93 7.00 -17.92
C ASN B 135 4.71 6.15 -19.21
N ASN B 136 3.42 6.01 -19.64
CA ASN B 136 3.00 5.27 -20.85
C ASN B 136 2.53 6.28 -21.90
N TYR B 137 3.00 7.52 -21.80
CA TYR B 137 2.54 8.63 -22.60
C TYR B 137 3.62 9.27 -23.47
N ASN B 138 4.77 9.62 -22.88
CA ASN B 138 5.86 10.27 -23.63
C ASN B 138 7.27 9.75 -23.19
N SER B 139 8.34 10.51 -23.50
CA SER B 139 9.72 10.13 -23.19
CA SER B 139 9.72 10.12 -23.19
C SER B 139 10.23 10.62 -21.83
N ASP B 140 9.31 11.17 -20.98
CA ASP B 140 9.65 11.68 -19.65
C ASP B 140 10.29 10.61 -18.80
N ASP B 141 11.47 10.95 -18.23
CA ASP B 141 12.30 10.12 -17.38
C ASP B 141 12.91 11.06 -16.32
N PHE B 142 12.24 11.21 -15.19
CA PHE B 142 12.63 12.16 -14.15
C PHE B 142 13.14 11.53 -12.87
N GLN B 143 14.09 12.24 -12.21
CA GLN B 143 14.65 11.81 -10.92
C GLN B 143 14.26 12.75 -9.80
N PHE B 144 13.70 12.19 -8.74
CA PHE B 144 13.29 12.86 -7.51
C PHE B 144 14.28 12.33 -6.46
N VAL B 145 15.28 13.16 -6.11
CA VAL B 145 16.37 12.81 -5.22
C VAL B 145 16.01 13.17 -3.77
N TRP B 146 15.95 12.17 -2.88
CA TRP B 146 15.61 12.39 -1.47
C TRP B 146 16.83 12.19 -0.57
N ASN B 147 17.31 13.29 0.01
CA ASN B 147 18.44 13.30 0.94
C ASN B 147 17.88 13.11 2.35
N ILE B 148 18.20 11.97 2.98
CA ILE B 148 17.68 11.59 4.29
C ILE B 148 18.68 11.94 5.39
N TYR B 149 18.23 12.74 6.35
CA TYR B 149 19.06 13.18 7.48
C TYR B 149 18.49 12.69 8.80
N ALA B 150 19.37 12.33 9.74
CA ALA B 150 18.99 11.87 11.09
C ALA B 150 18.67 13.08 11.94
N ASN B 151 17.54 13.08 12.66
CA ASN B 151 17.20 14.19 13.56
C ASN B 151 17.90 14.05 14.90
N ASN B 152 18.32 12.81 15.24
CA ASN B 152 18.91 12.49 16.54
C ASN B 152 20.00 11.43 16.45
N ASP B 153 20.77 11.28 17.56
CA ASP B 153 21.80 10.25 17.72
C ASP B 153 21.12 8.91 17.87
N VAL B 154 21.78 7.86 17.39
CA VAL B 154 21.34 6.48 17.56
C VAL B 154 22.46 5.78 18.29
N VAL B 155 22.16 5.23 19.46
CA VAL B 155 23.12 4.51 20.30
C VAL B 155 22.91 3.00 20.15
N VAL B 156 24.01 2.27 19.89
CA VAL B 156 24.02 0.82 19.84
C VAL B 156 24.69 0.37 21.17
N PRO B 157 23.92 -0.19 22.14
CA PRO B 157 24.50 -0.59 23.43
C PRO B 157 25.69 -1.55 23.31
N THR B 158 26.65 -1.41 24.23
CA THR B 158 27.85 -2.27 24.24
C THR B 158 27.82 -3.30 25.39
C4 6KS C . -21.07 5.76 -15.76
C5 6KS C . -20.48 5.86 -17.17
C6 6KS C . -19.00 6.20 -17.15
C3 6KS C . -22.55 5.37 -15.87
CAR 6KS C . -23.35 10.59 -25.37
CAQ 6KS C . -23.75 10.15 -23.98
CAP 6KS C . -22.99 8.87 -23.58
CAO 6KS C . -23.53 8.39 -22.24
CAN 6KS C . -22.48 7.57 -21.51
CAM 6KS C . -23.18 6.67 -20.51
CAL 6KS C . -22.26 5.54 -20.04
O1 6KS C . -22.78 5.14 -18.75
C1 6KS C . -22.01 4.21 -18.01
O5 6KS C . -20.63 4.61 -17.87
C2 6KS C . -22.68 4.05 -16.65
F2 6KS C . -22.08 3.04 -16.10
O3 6KS C . -23.15 5.25 -14.57
O4 6KS C . -20.97 7.01 -15.10
O6 6KS C . -18.25 5.10 -16.63
C4 6KS D . 3.53 12.82 -15.97
C5 6KS D . 2.18 13.54 -16.00
C6 6KS D . 1.13 12.75 -15.25
C3 6KS D . 4.58 13.66 -16.69
CAR 6KS D . -3.52 17.49 -22.94
CAQ 6KS D . -2.04 17.21 -22.70
CAP 6KS D . -1.73 17.36 -21.22
CAO 6KS D . -0.39 16.74 -20.91
CAN 6KS D . -0.18 16.74 -19.41
CAM 6KS D . 1.29 16.46 -19.13
CAL 6KS D . 1.55 16.50 -17.62
O1 6KS D . 2.86 15.97 -17.42
C1 6KS D . 3.26 15.71 -16.08
O5 6KS D . 2.32 14.85 -15.40
C2 6KS D . 4.64 15.07 -16.11
F2 6KS D . 5.04 15.03 -14.88
O3 6KS D . 5.88 13.03 -16.54
O4 6KS D . 3.44 11.55 -16.59
O6 6KS D . 1.43 12.79 -13.85
#